data_1NZ0
#
_entry.id   1NZ0
#
_cell.length_a   56.227
_cell.length_b   64.143
_cell.length_c   68.326
_cell.angle_alpha   90.00
_cell.angle_beta   102.02
_cell.angle_gamma   90.00
#
_symmetry.space_group_name_H-M   'P 1 21 1'
#
loop_
_entity.id
_entity.type
_entity.pdbx_description
1 polymer 'Ribonuclease P protein component'
2 non-polymer 'SULFATE ION'
3 water water
#
_entity_poly.entity_id   1
_entity_poly.type   'polypeptide(L)'
_entity_poly.pdbx_seq_one_letter_code
;GSTESFTRRERLRLRRDFLLIFKEGKSLQNEYFVVLFRKNG(MSE)DYSRLGIVVKRKFGKATRRNKLKRWVREIFRRNK
GVIPKGFDIVVIPRKKLSEEFERVDFWTVREKLLNLLKRIEG
;
_entity_poly.pdbx_strand_id   A,C,B,D
#
# COMPACT_ATOMS: atom_id res chain seq x y z
N GLU A 10 -1.52 -24.06 28.83
CA GLU A 10 -1.98 -23.22 27.72
C GLU A 10 -0.89 -22.97 26.70
N ARG A 11 0.17 -23.77 26.61
CA ARG A 11 0.96 -23.61 25.37
C ARG A 11 0.16 -24.07 24.17
N LEU A 12 -0.86 -23.33 23.75
CA LEU A 12 -1.53 -23.61 22.49
C LEU A 12 -0.68 -23.04 21.36
N ARG A 13 -0.31 -23.87 20.40
CA ARG A 13 0.49 -23.38 19.25
C ARG A 13 -0.45 -23.00 18.09
N LEU A 14 -0.67 -21.69 18.02
CA LEU A 14 -1.64 -21.15 17.09
C LEU A 14 -1.37 -21.29 15.61
N ARG A 15 -0.11 -21.14 15.23
CA ARG A 15 0.20 -21.23 13.80
C ARG A 15 -0.32 -22.51 13.18
N ARG A 16 -0.30 -23.62 13.91
CA ARG A 16 -0.86 -24.85 13.39
C ARG A 16 -2.31 -25.06 13.77
N ASP A 17 -2.66 -24.71 15.02
CA ASP A 17 -3.96 -25.09 15.47
C ASP A 17 -5.08 -24.09 15.24
N PHE A 18 -4.77 -22.86 14.92
CA PHE A 18 -5.85 -21.91 14.68
C PHE A 18 -6.73 -22.33 13.53
N LEU A 19 -6.19 -22.75 12.42
CA LEU A 19 -6.95 -23.22 11.25
C LEU A 19 -7.87 -24.36 11.63
N LEU A 20 -7.35 -25.36 12.35
CA LEU A 20 -8.11 -26.50 12.78
C LEU A 20 -9.23 -26.18 13.75
N ILE A 21 -8.97 -25.32 14.71
CA ILE A 21 -10.04 -24.85 15.58
C ILE A 21 -11.13 -24.07 14.88
N PHE A 22 -10.71 -23.19 13.95
CA PHE A 22 -11.64 -22.41 13.18
C PHE A 22 -12.54 -23.29 12.32
N LYS A 23 -11.96 -24.34 11.72
CA LYS A 23 -12.70 -25.19 10.83
C LYS A 23 -13.57 -26.25 11.50
N GLU A 24 -13.09 -26.82 12.59
CA GLU A 24 -13.68 -27.96 13.24
C GLU A 24 -14.33 -27.67 14.59
N GLY A 25 -14.03 -26.53 15.12
CA GLY A 25 -14.48 -26.19 16.48
C GLY A 25 -15.87 -25.62 16.43
N LYS A 26 -16.25 -25.10 17.58
CA LYS A 26 -17.44 -24.31 17.73
C LYS A 26 -17.03 -22.89 18.04
N SER A 27 -18.04 -22.03 18.09
CA SER A 27 -17.82 -20.62 18.39
C SER A 27 -18.98 -20.04 19.20
N LEU A 28 -18.65 -19.07 20.05
CA LEU A 28 -19.57 -18.18 20.72
C LEU A 28 -19.10 -16.73 20.64
N GLN A 29 -20.00 -15.77 20.69
CA GLN A 29 -19.60 -14.40 20.63
C GLN A 29 -20.56 -13.48 21.36
N ASN A 30 -20.04 -12.34 21.71
CA ASN A 30 -20.82 -11.23 22.19
C ASN A 30 -20.26 -10.00 21.51
N GLU A 31 -20.69 -8.85 22.03
CA GLU A 31 -20.27 -7.63 21.37
C GLU A 31 -18.79 -7.41 21.43
N TYR A 32 -18.03 -7.95 22.37
CA TYR A 32 -16.60 -7.69 22.48
C TYR A 32 -15.69 -8.82 22.00
N PHE A 33 -16.13 -10.06 22.08
CA PHE A 33 -15.22 -11.16 21.74
C PHE A 33 -15.88 -12.20 20.90
N VAL A 34 -15.07 -12.89 20.07
CA VAL A 34 -15.40 -14.21 19.50
C VAL A 34 -14.53 -15.19 20.24
N VAL A 35 -15.11 -16.30 20.66
CA VAL A 35 -14.33 -17.37 21.28
C VAL A 35 -14.59 -18.63 20.42
N LEU A 36 -13.45 -19.15 19.97
CA LEU A 36 -13.49 -20.41 19.24
C LEU A 36 -12.93 -21.57 20.07
N PHE A 37 -13.53 -22.77 20.00
CA PHE A 37 -13.09 -23.84 20.91
C PHE A 37 -13.30 -25.23 20.27
N ARG A 38 -12.37 -26.09 20.73
CA ARG A 38 -12.49 -27.50 20.30
C ARG A 38 -11.98 -28.35 21.45
N LYS A 39 -12.58 -29.53 21.55
CA LYS A 39 -12.07 -30.50 22.52
C LYS A 39 -10.62 -30.87 22.23
N ASN A 40 -9.79 -30.93 23.24
CA ASN A 40 -8.37 -31.27 23.08
C ASN A 40 -7.97 -32.64 23.61
N GLY A 41 -8.89 -33.33 24.23
CA GLY A 41 -8.56 -34.65 24.75
C GLY A 41 -7.66 -34.67 25.96
N ASP A 43 -6.94 -33.05 30.15
CA ASP A 43 -7.69 -32.81 31.38
C ASP A 43 -7.55 -31.34 31.81
N TYR A 44 -7.08 -30.46 30.93
CA TYR A 44 -6.98 -29.05 31.14
C TYR A 44 -7.23 -28.35 29.80
N SER A 45 -7.63 -27.10 29.94
CA SER A 45 -7.83 -26.24 28.77
C SER A 45 -6.60 -25.40 28.46
N ARG A 46 -6.50 -24.98 27.20
CA ARG A 46 -5.35 -24.18 26.74
C ARG A 46 -5.93 -22.96 26.02
N LEU A 47 -5.36 -21.81 26.24
CA LEU A 47 -5.73 -20.56 25.69
C LEU A 47 -4.73 -20.00 24.66
N GLY A 48 -5.31 -19.49 23.59
CA GLY A 48 -4.57 -18.67 22.67
C GLY A 48 -5.33 -17.39 22.35
N ILE A 49 -4.65 -16.34 21.99
CA ILE A 49 -5.25 -15.05 21.77
C ILE A 49 -4.85 -14.56 20.36
N VAL A 50 -5.81 -14.21 19.54
CA VAL A 50 -5.51 -13.71 18.22
C VAL A 50 -5.93 -12.27 18.10
N VAL A 51 -4.99 -11.36 18.12
CA VAL A 51 -5.26 -9.92 18.07
C VAL A 51 -4.85 -9.44 16.72
N LYS A 52 -5.79 -8.89 15.95
CA LYS A 52 -5.49 -8.38 14.61
C LYS A 52 -4.47 -7.24 14.75
N ARG A 53 -3.57 -7.10 13.78
CA ARG A 53 -2.57 -6.04 13.77
C ARG A 53 -3.27 -4.68 13.94
N LYS A 54 -4.42 -4.48 13.30
CA LYS A 54 -5.07 -3.19 13.35
C LYS A 54 -5.61 -2.78 14.71
N PHE A 55 -5.59 -3.67 15.67
CA PHE A 55 -5.95 -3.30 17.04
C PHE A 55 -5.00 -2.29 17.65
N GLY A 56 -3.77 -2.23 17.15
CA GLY A 56 -2.86 -1.17 17.58
C GLY A 56 -1.42 -1.69 17.70
N LYS A 57 -0.58 -0.81 18.26
CA LYS A 57 0.82 -1.07 18.52
C LYS A 57 0.98 -1.87 19.80
N ALA A 58 2.22 -2.11 20.15
CA ALA A 58 2.55 -3.10 21.19
C ALA A 58 1.87 -2.71 22.46
N THR A 59 1.83 -1.50 22.90
CA THR A 59 1.33 -1.15 24.21
C THR A 59 -0.12 -1.56 24.29
N ARG A 60 -0.91 -1.18 23.28
CA ARG A 60 -2.34 -1.41 23.30
C ARG A 60 -2.66 -2.89 23.20
N ARG A 61 -2.00 -3.62 22.29
CA ARG A 61 -2.29 -5.01 22.07
C ARG A 61 -1.81 -5.87 23.26
N ASN A 62 -0.71 -5.41 23.84
CA ASN A 62 -0.19 -6.13 24.99
C ASN A 62 -1.08 -5.99 26.22
N LYS A 63 -1.69 -4.85 26.44
CA LYS A 63 -2.64 -4.55 27.47
C LYS A 63 -3.84 -5.51 27.35
N LEU A 64 -4.36 -5.60 26.11
CA LEU A 64 -5.50 -6.52 25.96
C LEU A 64 -5.13 -7.97 26.25
N LYS A 65 -4.01 -8.44 25.73
CA LYS A 65 -3.53 -9.77 25.94
C LYS A 65 -3.28 -10.04 27.40
N ARG A 66 -2.70 -9.09 28.16
CA ARG A 66 -2.50 -9.24 29.61
C ARG A 66 -3.83 -9.46 30.31
N TRP A 67 -4.80 -8.66 29.97
CA TRP A 67 -6.11 -8.80 30.64
C TRP A 67 -6.69 -10.18 30.40
N VAL A 68 -6.63 -10.57 29.14
CA VAL A 68 -7.18 -11.86 28.77
C VAL A 68 -6.46 -12.99 29.46
N ARG A 69 -5.13 -12.97 29.50
CA ARG A 69 -4.38 -14.02 30.15
C ARG A 69 -4.68 -14.12 31.65
N GLU A 70 -4.80 -12.98 32.26
CA GLU A 70 -5.13 -12.88 33.68
C GLU A 70 -6.50 -13.43 34.01
N ILE A 71 -7.46 -13.06 33.21
CA ILE A 71 -8.82 -13.57 33.41
C ILE A 71 -8.86 -15.09 33.28
N PHE A 72 -8.25 -15.60 32.23
CA PHE A 72 -8.19 -17.07 32.12
C PHE A 72 -7.47 -17.67 33.30
N ARG A 73 -6.30 -17.21 33.68
CA ARG A 73 -5.49 -17.84 34.73
C ARG A 73 -6.27 -17.86 36.05
N ARG A 74 -6.87 -16.74 36.42
CA ARG A 74 -7.49 -16.64 37.75
C ARG A 74 -8.77 -17.46 37.76
N ASN A 75 -9.43 -17.66 36.62
CA ASN A 75 -10.67 -18.32 36.49
C ASN A 75 -10.61 -19.74 35.95
N LYS A 76 -9.43 -20.33 35.87
CA LYS A 76 -9.23 -21.66 35.26
C LYS A 76 -10.09 -22.70 35.94
N GLY A 77 -10.20 -22.52 37.24
CA GLY A 77 -10.95 -23.54 37.98
C GLY A 77 -12.40 -23.63 37.67
N VAL A 78 -13.01 -22.54 37.18
CA VAL A 78 -14.42 -22.58 36.81
C VAL A 78 -14.57 -22.69 35.31
N ILE A 79 -13.62 -22.41 34.47
CA ILE A 79 -13.76 -22.50 33.00
C ILE A 79 -13.75 -24.00 32.71
N PRO A 80 -14.56 -24.49 31.78
CA PRO A 80 -14.53 -25.93 31.50
C PRO A 80 -13.14 -26.40 31.07
N LYS A 81 -12.92 -27.67 31.35
CA LYS A 81 -11.65 -28.36 31.20
C LYS A 81 -11.67 -29.18 29.92
N GLY A 82 -10.56 -29.29 29.21
CA GLY A 82 -10.44 -30.10 28.04
C GLY A 82 -10.72 -29.52 26.70
N PHE A 83 -10.56 -28.19 26.62
CA PHE A 83 -10.73 -27.47 25.41
C PHE A 83 -9.54 -26.61 25.03
N ASP A 84 -9.27 -26.55 23.76
CA ASP A 84 -8.40 -25.52 23.22
C ASP A 84 -9.27 -24.33 22.80
N ILE A 85 -8.94 -23.18 23.31
CA ILE A 85 -9.71 -21.95 23.26
C ILE A 85 -8.89 -20.82 22.63
N VAL A 86 -9.57 -20.19 21.64
CA VAL A 86 -8.98 -19.02 20.97
C VAL A 86 -9.82 -17.82 21.26
N VAL A 87 -9.26 -16.77 21.84
CA VAL A 87 -10.01 -15.52 22.10
C VAL A 87 -9.61 -14.45 21.05
N ILE A 88 -10.66 -13.85 20.46
CA ILE A 88 -10.43 -12.88 19.39
C ILE A 88 -11.20 -11.63 19.74
N PRO A 89 -10.52 -10.49 20.00
CA PRO A 89 -11.32 -9.28 20.23
C PRO A 89 -11.92 -8.80 18.92
N ARG A 90 -13.11 -8.19 19.10
CA ARG A 90 -13.93 -7.77 17.96
C ARG A 90 -13.73 -6.28 17.72
N LYS A 91 -14.26 -5.86 16.58
CA LYS A 91 -14.16 -4.45 16.24
C LYS A 91 -14.71 -3.52 17.32
N LYS A 92 -15.84 -3.91 17.89
CA LYS A 92 -16.42 -3.04 18.88
C LYS A 92 -15.53 -2.88 20.11
N LEU A 93 -14.80 -3.94 20.48
CA LEU A 93 -13.91 -3.80 21.62
C LEU A 93 -12.79 -2.86 21.22
N SER A 94 -12.20 -2.94 20.02
CA SER A 94 -11.22 -1.92 19.68
C SER A 94 -11.78 -0.53 19.67
N GLU A 95 -13.01 -0.36 19.18
CA GLU A 95 -13.63 0.96 19.19
C GLU A 95 -13.70 1.54 20.59
N GLU A 96 -14.04 0.72 21.56
CA GLU A 96 -14.41 1.18 22.88
C GLU A 96 -13.33 0.94 23.91
N PHE A 97 -12.19 0.32 23.59
CA PHE A 97 -11.33 -0.24 24.61
C PHE A 97 -11.05 0.64 25.82
N GLU A 98 -10.68 1.89 25.45
CA GLU A 98 -10.21 2.84 26.45
C GLU A 98 -11.31 3.25 27.40
N ARG A 99 -12.58 2.99 27.04
CA ARG A 99 -13.72 3.36 27.87
C ARG A 99 -14.26 2.08 28.52
N VAL A 100 -13.76 0.88 28.25
CA VAL A 100 -14.30 -0.31 28.91
C VAL A 100 -13.40 -0.67 30.09
N ASP A 101 -13.91 -0.81 31.33
CA ASP A 101 -13.05 -1.11 32.46
C ASP A 101 -12.84 -2.61 32.56
N PHE A 102 -11.81 -3.00 33.31
CA PHE A 102 -11.42 -4.40 33.44
C PHE A 102 -12.57 -5.29 33.84
N TRP A 103 -13.37 -4.91 34.82
CA TRP A 103 -14.46 -5.77 35.28
C TRP A 103 -15.44 -6.06 34.17
N THR A 104 -15.68 -5.16 33.22
CA THR A 104 -16.55 -5.40 32.09
C THR A 104 -15.92 -6.37 31.09
N VAL A 105 -14.63 -6.18 30.83
CA VAL A 105 -13.93 -7.11 29.95
C VAL A 105 -14.01 -8.51 30.55
N ARG A 106 -13.74 -8.60 31.85
CA ARG A 106 -13.82 -9.89 32.56
C ARG A 106 -15.19 -10.54 32.45
N GLU A 107 -16.23 -9.73 32.73
CA GLU A 107 -17.57 -10.25 32.68
C GLU A 107 -17.92 -10.84 31.31
N LYS A 108 -17.59 -10.02 30.31
CA LYS A 108 -17.93 -10.34 28.93
C LYS A 108 -17.18 -11.55 28.42
N LEU A 109 -15.91 -11.68 28.76
CA LEU A 109 -15.11 -12.83 28.41
C LEU A 109 -15.55 -14.09 29.14
N LEU A 110 -15.72 -13.97 30.45
CA LEU A 110 -16.19 -15.09 31.23
C LEU A 110 -17.55 -15.57 30.83
N ASN A 111 -18.45 -14.72 30.37
N ASN A 111 -18.47 -14.71 30.40
CA ASN A 111 -19.76 -15.25 30.00
CA ASN A 111 -19.79 -15.14 29.95
C ASN A 111 -19.70 -16.21 28.82
C ASN A 111 -19.64 -16.22 28.87
N LEU A 112 -18.72 -15.94 27.94
CA LEU A 112 -18.52 -16.91 26.83
C LEU A 112 -17.73 -18.16 27.26
N LEU A 113 -16.65 -17.91 28.00
CA LEU A 113 -15.84 -19.05 28.41
C LEU A 113 -16.59 -20.12 29.23
N LYS A 114 -17.48 -19.62 30.11
CA LYS A 114 -18.26 -20.51 30.97
C LYS A 114 -19.35 -21.24 30.22
N ARG A 115 -19.62 -20.86 28.99
CA ARG A 115 -20.59 -21.55 28.15
C ARG A 115 -20.01 -22.57 27.19
N ILE A 116 -18.71 -22.73 27.13
CA ILE A 116 -18.06 -23.77 26.32
C ILE A 116 -18.58 -25.11 26.86
N GLU A 117 -19.13 -25.85 25.90
CA GLU A 117 -19.76 -27.13 26.21
C GLU A 117 -19.36 -28.12 25.09
N GLY A 118 -19.31 -29.38 25.40
CA GLY A 118 -19.54 -30.13 26.63
C GLY A 118 -18.38 -31.07 26.91
N LEU B 12 -2.01 -22.12 -1.78
CA LEU B 12 -1.63 -21.57 -0.50
C LEU B 12 -1.36 -22.61 0.56
N ARG B 13 -0.26 -22.48 1.32
CA ARG B 13 -0.02 -23.38 2.46
C ARG B 13 -0.74 -22.82 3.71
N LEU B 14 -2.03 -23.11 3.73
CA LEU B 14 -2.89 -22.69 4.80
C LEU B 14 -2.42 -23.06 6.19
N ARG B 15 -1.98 -24.29 6.37
CA ARG B 15 -1.43 -24.74 7.65
C ARG B 15 -0.33 -23.78 8.08
N ARG B 16 0.40 -23.24 7.11
CA ARG B 16 1.47 -22.32 7.45
C ARG B 16 0.88 -20.90 7.58
N ASP B 17 0.03 -20.39 6.69
CA ASP B 17 -0.14 -18.95 6.63
C ASP B 17 -1.54 -18.48 6.98
N PHE B 18 -2.49 -19.30 7.36
CA PHE B 18 -3.82 -18.81 7.75
C PHE B 18 -3.76 -17.81 8.89
N LEU B 19 -3.06 -18.06 9.98
CA LEU B 19 -2.98 -17.18 11.10
C LEU B 19 -2.38 -15.83 10.70
N LEU B 20 -1.34 -15.80 9.88
CA LEU B 20 -0.69 -14.59 9.43
C LEU B 20 -1.68 -13.76 8.62
N ILE B 21 -2.41 -14.39 7.71
CA ILE B 21 -3.35 -13.68 6.87
C ILE B 21 -4.49 -13.14 7.67
N PHE B 22 -4.98 -13.90 8.65
CA PHE B 22 -6.08 -13.41 9.47
C PHE B 22 -5.63 -12.21 10.31
N LYS B 23 -4.45 -12.28 10.87
CA LYS B 23 -3.95 -11.22 11.76
C LYS B 23 -3.46 -9.97 11.06
N GLU B 24 -2.82 -10.11 9.90
CA GLU B 24 -2.10 -9.03 9.24
C GLU B 24 -2.75 -8.59 7.96
N GLY B 25 -3.65 -9.38 7.42
CA GLY B 25 -4.27 -9.04 6.14
C GLY B 25 -5.51 -8.21 6.31
N LYS B 26 -6.27 -8.12 5.24
CA LYS B 26 -7.53 -7.43 5.11
C LYS B 26 -8.64 -8.42 4.74
N SER B 27 -9.86 -7.88 4.76
CA SER B 27 -11.01 -8.77 4.46
C SER B 27 -12.12 -8.00 3.78
N LEU B 28 -12.82 -8.69 2.89
CA LEU B 28 -13.98 -8.22 2.18
C LEU B 28 -15.01 -9.33 2.35
N GLN B 29 -16.29 -8.96 2.31
CA GLN B 29 -17.34 -9.97 2.46
C GLN B 29 -18.64 -9.56 1.78
N ASN B 30 -19.43 -10.61 1.47
CA ASN B 30 -20.83 -10.42 1.00
C ASN B 30 -21.62 -11.56 1.68
N GLU B 31 -22.86 -11.71 1.26
CA GLU B 31 -23.74 -12.68 1.86
C GLU B 31 -23.24 -14.09 1.82
N TYR B 32 -22.44 -14.46 0.80
CA TYR B 32 -21.99 -15.84 0.66
C TYR B 32 -20.52 -16.13 1.03
N PHE B 33 -19.69 -15.09 1.01
CA PHE B 33 -18.28 -15.31 1.25
C PHE B 33 -17.60 -14.25 2.12
N VAL B 34 -16.64 -14.66 2.94
CA VAL B 34 -15.65 -13.75 3.55
C VAL B 34 -14.38 -14.09 2.75
N VAL B 35 -13.66 -13.09 2.28
CA VAL B 35 -12.38 -13.29 1.61
C VAL B 35 -11.33 -12.57 2.44
N LEU B 36 -10.28 -13.26 2.88
CA LEU B 36 -9.13 -12.67 3.60
C LEU B 36 -8.00 -12.55 2.61
N PHE B 37 -7.19 -11.52 2.72
CA PHE B 37 -6.09 -11.48 1.75
C PHE B 37 -4.98 -10.65 2.30
N ARG B 38 -3.77 -10.93 1.86
CA ARG B 38 -2.54 -10.26 2.32
C ARG B 38 -1.55 -10.19 1.16
N LYS B 39 -0.88 -9.06 1.01
CA LYS B 39 0.15 -8.96 -0.02
C LYS B 39 1.16 -10.08 0.22
N ASN B 40 1.61 -10.76 -0.81
CA ASN B 40 2.52 -11.87 -0.60
C ASN B 40 3.93 -11.62 -1.10
N GLY B 41 4.25 -10.46 -1.60
CA GLY B 41 5.48 -10.05 -2.14
C GLY B 41 5.81 -10.55 -3.51
N ASP B 43 4.56 -11.44 -7.81
CA ASP B 43 3.78 -10.89 -8.93
C ASP B 43 2.59 -11.76 -9.29
N TYR B 44 2.21 -12.68 -8.41
CA TYR B 44 1.07 -13.54 -8.74
C TYR B 44 0.37 -13.82 -7.40
N SER B 45 -0.86 -14.27 -7.51
CA SER B 45 -1.66 -14.55 -6.31
C SER B 45 -1.80 -16.06 -6.11
N ARG B 46 -2.16 -16.40 -4.86
CA ARG B 46 -2.37 -17.77 -4.48
C ARG B 46 -3.68 -17.84 -3.69
N LEU B 47 -4.39 -18.94 -3.82
CA LEU B 47 -5.71 -19.03 -3.19
C LEU B 47 -5.83 -20.31 -2.36
N GLY B 48 -6.45 -20.17 -1.18
CA GLY B 48 -6.78 -21.28 -0.31
C GLY B 48 -8.22 -21.19 0.11
N ILE B 49 -8.84 -22.28 0.48
CA ILE B 49 -10.24 -22.33 0.81
C ILE B 49 -10.36 -22.94 2.18
N VAL B 50 -11.15 -22.29 3.04
CA VAL B 50 -11.42 -22.82 4.37
C VAL B 50 -12.93 -22.95 4.54
N VAL B 51 -13.37 -24.21 4.51
CA VAL B 51 -14.75 -24.57 4.69
C VAL B 51 -14.94 -25.18 6.11
N LYS B 52 -15.78 -24.51 6.90
CA LYS B 52 -16.00 -25.09 8.26
C LYS B 52 -16.84 -26.38 8.10
N ARG B 53 -16.49 -27.28 8.97
CA ARG B 53 -17.16 -28.57 8.90
C ARG B 53 -18.65 -28.46 8.87
N LYS B 54 -19.23 -27.54 9.63
CA LYS B 54 -20.67 -27.35 9.73
C LYS B 54 -21.35 -26.91 8.44
N PHE B 55 -20.55 -26.46 7.48
CA PHE B 55 -21.16 -26.09 6.19
C PHE B 55 -21.99 -27.17 5.56
N GLY B 56 -21.55 -28.40 5.73
CA GLY B 56 -22.31 -29.54 5.28
C GLY B 56 -21.45 -30.78 5.18
N LYS B 57 -22.06 -31.82 4.56
CA LYS B 57 -21.37 -33.06 4.40
C LYS B 57 -20.21 -32.94 3.44
N ALA B 58 -19.28 -33.85 3.50
CA ALA B 58 -18.10 -33.82 2.62
C ALA B 58 -18.39 -33.52 1.16
N THR B 59 -19.40 -34.17 0.56
CA THR B 59 -19.62 -33.90 -0.86
C THR B 59 -20.00 -32.45 -1.10
N ARG B 60 -20.79 -31.83 -0.22
CA ARG B 60 -21.14 -30.42 -0.39
C ARG B 60 -19.96 -29.51 -0.17
N ARG B 61 -19.14 -29.80 0.83
CA ARG B 61 -17.94 -28.99 1.07
C ARG B 61 -17.06 -29.10 -0.18
N ASN B 62 -16.93 -30.29 -0.69
CA ASN B 62 -16.06 -30.62 -1.82
C ASN B 62 -16.55 -29.96 -3.11
N LYS B 63 -17.86 -29.87 -3.32
CA LYS B 63 -18.42 -29.23 -4.52
C LYS B 63 -18.05 -27.74 -4.45
N LEU B 64 -18.20 -27.15 -3.25
CA LEU B 64 -17.88 -25.74 -3.13
C LEU B 64 -16.42 -25.51 -3.40
N LYS B 65 -15.55 -26.32 -2.83
CA LYS B 65 -14.13 -26.18 -3.02
C LYS B 65 -13.79 -26.34 -4.50
N ARG B 66 -14.31 -27.30 -5.23
CA ARG B 66 -14.11 -27.47 -6.69
C ARG B 66 -14.44 -26.22 -7.43
N TRP B 67 -15.62 -25.70 -7.17
CA TRP B 67 -16.08 -24.52 -7.89
C TRP B 67 -15.17 -23.32 -7.56
N VAL B 68 -14.76 -23.12 -6.34
CA VAL B 68 -13.87 -21.98 -6.03
C VAL B 68 -12.54 -22.15 -6.72
N ARG B 69 -11.97 -23.34 -6.73
CA ARG B 69 -10.70 -23.60 -7.43
C ARG B 69 -10.83 -23.33 -8.91
N GLU B 70 -11.90 -23.76 -9.51
CA GLU B 70 -12.13 -23.50 -10.90
C GLU B 70 -12.26 -22.02 -11.20
N ILE B 71 -13.01 -21.28 -10.35
CA ILE B 71 -13.18 -19.86 -10.58
C ILE B 71 -11.83 -19.16 -10.52
N PHE B 72 -10.98 -19.53 -9.55
CA PHE B 72 -9.66 -18.90 -9.48
C PHE B 72 -8.83 -19.24 -10.70
N ARG B 73 -8.66 -20.45 -11.12
CA ARG B 73 -7.87 -20.87 -12.25
C ARG B 73 -8.35 -20.22 -13.56
N ARG B 74 -9.65 -20.24 -13.77
CA ARG B 74 -10.20 -19.76 -15.02
C ARG B 74 -10.19 -18.26 -15.20
N ASN B 75 -10.05 -17.56 -14.07
CA ASN B 75 -10.14 -16.11 -14.06
C ASN B 75 -8.87 -15.45 -13.48
N LYS B 76 -7.77 -16.19 -13.55
CA LYS B 76 -6.56 -15.79 -12.89
C LYS B 76 -6.04 -14.49 -13.48
N GLY B 77 -6.29 -14.25 -14.78
CA GLY B 77 -5.73 -13.09 -15.43
C GLY B 77 -6.37 -11.81 -14.97
N VAL B 78 -7.60 -11.88 -14.47
CA VAL B 78 -8.35 -10.69 -14.08
C VAL B 78 -8.46 -10.53 -12.58
N ILE B 79 -7.90 -11.44 -11.80
CA ILE B 79 -7.92 -11.34 -10.35
C ILE B 79 -6.61 -10.65 -9.94
N PRO B 80 -6.66 -9.68 -9.07
CA PRO B 80 -5.46 -8.92 -8.68
C PRO B 80 -4.29 -9.81 -8.35
N LYS B 81 -3.11 -9.33 -8.74
CA LYS B 81 -1.90 -10.08 -8.62
C LYS B 81 -1.14 -9.67 -7.38
N GLY B 82 -0.49 -10.62 -6.71
CA GLY B 82 0.38 -10.37 -5.59
C GLY B 82 -0.29 -10.52 -4.24
N PHE B 83 -1.33 -11.29 -4.10
CA PHE B 83 -2.01 -11.54 -2.85
C PHE B 83 -2.10 -13.02 -2.53
N ASP B 84 -2.02 -13.40 -1.27
CA ASP B 84 -2.47 -14.68 -0.75
C ASP B 84 -3.89 -14.46 -0.25
N ILE B 85 -4.76 -15.30 -0.76
CA ILE B 85 -6.20 -15.15 -0.61
C ILE B 85 -6.86 -16.36 0.03
N VAL B 86 -7.69 -16.15 1.05
CA VAL B 86 -8.38 -17.25 1.69
C VAL B 86 -9.90 -17.00 1.53
N VAL B 87 -10.56 -18.02 0.92
CA VAL B 87 -12.00 -17.92 0.69
C VAL B 87 -12.72 -18.74 1.76
N ILE B 88 -13.66 -18.16 2.48
CA ILE B 88 -14.39 -18.77 3.59
C ILE B 88 -15.90 -18.65 3.27
N PRO B 89 -16.60 -19.71 2.84
CA PRO B 89 -18.05 -19.63 2.64
C PRO B 89 -18.80 -19.40 3.94
N ARG B 90 -19.89 -18.71 3.88
CA ARG B 90 -20.74 -18.26 4.99
C ARG B 90 -21.93 -19.17 5.24
N LYS B 91 -22.48 -19.12 6.44
CA LYS B 91 -23.67 -19.88 6.81
C LYS B 91 -24.80 -19.65 5.81
N LYS B 92 -25.03 -18.44 5.34
CA LYS B 92 -26.16 -18.24 4.42
C LYS B 92 -26.06 -19.08 3.16
N LEU B 93 -24.80 -19.21 2.68
CA LEU B 93 -24.54 -20.04 1.53
C LEU B 93 -24.89 -21.48 1.79
N SER B 94 -24.52 -21.99 2.97
CA SER B 94 -24.88 -23.33 3.42
C SER B 94 -26.38 -23.56 3.38
N GLU B 95 -27.12 -22.60 3.96
CA GLU B 95 -28.57 -22.73 4.14
C GLU B 95 -29.28 -22.75 2.78
N GLU B 96 -28.74 -22.04 1.79
CA GLU B 96 -29.32 -21.89 0.46
C GLU B 96 -28.69 -22.73 -0.65
N PHE B 97 -27.81 -23.65 -0.22
CA PHE B 97 -26.95 -24.34 -1.11
C PHE B 97 -27.65 -24.98 -2.31
N GLU B 98 -28.80 -25.57 -2.06
CA GLU B 98 -29.46 -26.31 -3.14
C GLU B 98 -29.79 -25.34 -4.26
N ARG B 99 -30.08 -24.10 -4.07
CA ARG B 99 -30.57 -23.14 -5.03
C ARG B 99 -29.42 -22.47 -5.77
N VAL B 100 -28.19 -22.69 -5.34
CA VAL B 100 -27.05 -21.94 -5.88
C VAL B 100 -26.28 -22.75 -6.91
N ASP B 101 -26.13 -22.17 -8.10
CA ASP B 101 -25.34 -22.82 -9.18
C ASP B 101 -23.95 -22.24 -9.22
N PHE B 102 -23.16 -22.85 -10.09
CA PHE B 102 -21.78 -22.41 -10.27
C PHE B 102 -21.76 -20.92 -10.60
N TRP B 103 -22.64 -20.47 -11.49
CA TRP B 103 -22.58 -19.11 -11.95
C TRP B 103 -22.82 -18.12 -10.80
N THR B 104 -23.71 -18.42 -9.85
CA THR B 104 -23.95 -17.54 -8.72
C THR B 104 -22.72 -17.58 -7.85
N VAL B 105 -22.08 -18.70 -7.62
CA VAL B 105 -20.85 -18.64 -6.85
C VAL B 105 -19.76 -17.88 -7.52
N ARG B 106 -19.61 -18.01 -8.83
CA ARG B 106 -18.63 -17.29 -9.61
C ARG B 106 -18.80 -15.81 -9.56
N GLU B 107 -20.04 -15.34 -9.76
CA GLU B 107 -20.31 -13.91 -9.73
C GLU B 107 -20.10 -13.37 -8.35
N LYS B 108 -20.55 -14.07 -7.28
CA LYS B 108 -20.43 -13.55 -5.93
C LYS B 108 -19.04 -13.58 -5.41
N LEU B 109 -18.26 -14.54 -5.83
CA LEU B 109 -16.85 -14.64 -5.44
C LEU B 109 -16.04 -13.66 -6.23
N LEU B 110 -16.18 -13.57 -7.54
CA LEU B 110 -15.39 -12.68 -8.31
C LEU B 110 -15.59 -11.24 -7.98
N ASN B 111 -16.83 -10.96 -7.65
CA ASN B 111 -17.18 -9.58 -7.22
C ASN B 111 -16.27 -9.15 -6.08
N LEU B 112 -15.94 -10.03 -5.17
CA LEU B 112 -15.05 -9.71 -4.08
C LEU B 112 -13.62 -9.80 -4.51
N LEU B 113 -13.19 -10.83 -5.23
CA LEU B 113 -11.80 -10.99 -5.65
C LEU B 113 -11.31 -9.80 -6.48
N LYS B 114 -12.19 -9.31 -7.35
CA LYS B 114 -11.74 -8.21 -8.20
C LYS B 114 -11.62 -6.88 -7.46
N ARG B 115 -12.09 -6.84 -6.20
CA ARG B 115 -11.98 -5.66 -5.35
C ARG B 115 -10.82 -5.71 -4.40
N ILE B 116 -10.00 -6.73 -4.44
CA ILE B 116 -8.82 -6.81 -3.56
C ILE B 116 -7.78 -5.76 -3.88
N GLU B 117 -7.26 -5.04 -2.90
CA GLU B 117 -6.17 -4.08 -3.07
C GLU B 117 -5.40 -3.95 -1.76
N GLY B 118 -4.18 -3.45 -1.78
CA GLY B 118 -3.43 -3.27 -0.53
C GLY B 118 -3.75 -1.95 0.14
N ARG C 9 -7.65 24.29 -28.72
CA ARG C 9 -7.54 23.31 -27.63
C ARG C 9 -6.99 24.02 -26.40
N GLU C 10 -7.27 23.43 -25.23
CA GLU C 10 -6.84 24.07 -23.98
C GLU C 10 -5.35 23.93 -23.79
N ARG C 11 -4.56 25.00 -23.67
CA ARG C 11 -3.11 24.77 -23.61
C ARG C 11 -2.67 24.09 -22.31
N LEU C 12 -1.65 23.23 -22.39
CA LEU C 12 -1.01 22.67 -21.20
C LEU C 12 -0.01 23.64 -20.61
N ARG C 13 -0.33 24.18 -19.44
CA ARG C 13 0.59 25.14 -18.82
C ARG C 13 1.41 24.48 -17.74
N LEU C 14 2.69 24.28 -18.02
CA LEU C 14 3.61 23.67 -17.08
C LEU C 14 3.87 24.43 -15.80
N ARG C 15 3.78 25.69 -15.82
CA ARG C 15 3.78 26.77 -14.89
C ARG C 15 2.70 26.42 -13.85
N ARG C 16 1.59 25.83 -14.33
CA ARG C 16 0.49 25.52 -13.41
C ARG C 16 0.48 24.03 -13.06
N ASP C 17 0.95 23.16 -13.96
CA ASP C 17 0.67 21.74 -13.79
C ASP C 17 1.82 20.76 -13.66
N PHE C 18 3.05 21.24 -13.70
CA PHE C 18 4.17 20.28 -13.59
C PHE C 18 4.27 19.51 -12.27
N LEU C 19 4.07 20.26 -11.20
CA LEU C 19 4.04 19.64 -9.90
C LEU C 19 3.00 18.56 -9.78
N LEU C 20 1.77 18.87 -10.23
CA LEU C 20 0.67 17.90 -10.23
C LEU C 20 1.00 16.65 -10.99
N ILE C 21 1.55 16.84 -12.21
CA ILE C 21 1.92 15.70 -13.02
C ILE C 21 3.02 14.87 -12.40
N PHE C 22 4.05 15.46 -11.87
CA PHE C 22 5.10 14.77 -11.17
C PHE C 22 4.60 13.94 -9.99
N LYS C 23 3.68 14.52 -9.21
CA LYS C 23 3.23 13.88 -7.96
C LYS C 23 2.14 12.83 -8.16
N GLU C 24 1.27 12.98 -9.15
CA GLU C 24 0.13 12.12 -9.34
C GLU C 24 0.17 11.23 -10.58
N GLY C 25 1.09 11.56 -11.44
CA GLY C 25 1.16 10.87 -12.71
C GLY C 25 2.00 9.62 -12.63
N LYS C 26 2.29 9.03 -13.77
CA LYS C 26 3.16 7.89 -13.96
C LYS C 26 4.40 8.33 -14.75
N SER C 27 5.37 7.46 -14.80
CA SER C 27 6.62 7.70 -15.52
C SER C 27 7.05 6.47 -16.32
N LEU C 28 7.62 6.69 -17.49
CA LEU C 28 8.27 5.68 -18.30
C LEU C 28 9.55 6.31 -18.84
N GLN C 29 10.58 5.51 -19.13
CA GLN C 29 11.83 6.09 -19.59
C GLN C 29 12.58 5.09 -20.48
N ASN C 30 13.43 5.63 -21.34
CA ASN C 30 14.44 4.85 -22.04
C ASN C 30 15.73 5.65 -22.00
N GLU C 31 16.73 5.23 -22.76
CA GLU C 31 18.04 5.89 -22.66
C GLU C 31 17.98 7.36 -23.00
N TYR C 32 17.03 7.78 -23.86
CA TYR C 32 17.02 9.15 -24.27
C TYR C 32 16.02 10.05 -23.57
N PHE C 33 14.93 9.46 -23.09
CA PHE C 33 13.84 10.29 -22.59
C PHE C 33 13.25 9.75 -21.32
N VAL C 34 12.83 10.60 -20.39
CA VAL C 34 11.82 10.33 -19.37
C VAL C 34 10.51 10.98 -19.83
N VAL C 35 9.42 10.20 -19.65
CA VAL C 35 8.09 10.77 -20.00
C VAL C 35 7.23 10.62 -18.74
N LEU C 36 6.64 11.75 -18.32
CA LEU C 36 5.72 11.79 -17.17
C LEU C 36 4.32 12.00 -17.73
N PHE C 37 3.32 11.27 -17.27
CA PHE C 37 1.99 11.40 -17.88
C PHE C 37 0.88 11.23 -16.84
N ARG C 38 -0.19 11.93 -17.06
CA ARG C 38 -1.34 11.85 -16.17
C ARG C 38 -2.58 11.95 -17.02
N LYS C 39 -3.63 11.17 -16.68
CA LYS C 39 -4.91 11.26 -17.38
C LYS C 39 -5.44 12.66 -17.21
N ASN C 40 -5.92 13.26 -18.32
CA ASN C 40 -6.41 14.64 -18.32
C ASN C 40 -7.92 14.87 -18.39
N GLY C 41 -8.66 13.77 -18.58
CA GLY C 41 -10.10 13.82 -18.71
C GLY C 41 -10.59 14.28 -20.06
N ASP C 43 -10.37 14.17 -24.54
CA ASP C 43 -10.24 13.23 -25.63
C ASP C 43 -9.06 13.52 -26.51
N TYR C 44 -8.10 14.27 -26.03
CA TYR C 44 -6.84 14.56 -26.72
C TYR C 44 -5.76 14.59 -25.68
N SER C 45 -4.56 14.34 -26.17
CA SER C 45 -3.37 14.45 -25.32
C SER C 45 -2.65 15.78 -25.58
N ARG C 46 -1.92 16.25 -24.59
CA ARG C 46 -1.20 17.50 -24.58
C ARG C 46 0.24 17.24 -24.20
N LEU C 47 1.14 17.94 -24.89
CA LEU C 47 2.57 17.88 -24.65
C LEU C 47 3.15 19.12 -23.97
N GLY C 48 4.01 18.81 -22.99
CA GLY C 48 4.91 19.75 -22.39
C GLY C 48 6.33 19.20 -22.48
N ILE C 49 7.30 20.08 -22.65
CA ILE C 49 8.68 19.71 -22.71
C ILE C 49 9.47 20.40 -21.62
N VAL C 50 10.23 19.65 -20.82
CA VAL C 50 11.04 20.21 -19.75
C VAL C 50 12.48 19.83 -20.05
N VAL C 51 13.30 20.85 -20.39
CA VAL C 51 14.68 20.69 -20.74
C VAL C 51 15.50 21.23 -19.61
N LYS C 52 16.30 20.46 -18.91
CA LYS C 52 17.14 21.08 -17.88
C LYS C 52 18.15 22.02 -18.52
N ARG C 53 18.58 23.05 -17.83
CA ARG C 53 19.51 24.03 -18.35
C ARG C 53 20.79 23.35 -18.79
N LYS C 54 21.27 22.32 -18.10
CA LYS C 54 22.55 21.75 -18.44
C LYS C 54 22.53 21.04 -19.77
N PHE C 55 21.36 20.83 -20.38
CA PHE C 55 21.32 20.27 -21.72
C PHE C 55 22.02 21.15 -22.74
N GLY C 56 22.01 22.47 -22.58
CA GLY C 56 22.71 23.35 -23.46
C GLY C 56 22.10 24.74 -23.37
N LYS C 57 22.77 25.62 -24.12
CA LYS C 57 22.27 26.97 -24.25
C LYS C 57 20.94 26.99 -25.00
N ALA C 58 20.27 28.14 -25.04
CA ALA C 58 18.93 28.24 -25.59
C ALA C 58 18.77 27.72 -27.00
N THR C 59 19.70 28.00 -27.91
CA THR C 59 19.48 27.53 -29.28
C THR C 59 19.40 26.02 -29.31
N ARG C 60 20.28 25.34 -28.52
CA ARG C 60 20.25 23.90 -28.46
C ARG C 60 19.01 23.33 -27.80
N ARG C 61 18.57 23.94 -26.72
CA ARG C 61 17.34 23.53 -26.08
C ARG C 61 16.18 23.80 -27.02
N ASN C 62 16.17 24.86 -27.79
CA ASN C 62 15.13 25.11 -28.72
C ASN C 62 15.06 24.03 -29.81
N LYS C 63 16.22 23.58 -30.28
CA LYS C 63 16.20 22.55 -31.33
C LYS C 63 15.62 21.25 -30.74
N LEU C 64 16.03 20.89 -29.51
CA LEU C 64 15.42 19.68 -28.93
C LEU C 64 13.92 19.83 -28.88
N LYS C 65 13.44 20.94 -28.39
CA LYS C 65 11.99 21.17 -28.27
C LYS C 65 11.35 21.05 -29.65
N ARG C 66 11.94 21.69 -30.66
CA ARG C 66 11.38 21.60 -31.97
C ARG C 66 11.28 20.18 -32.46
N TRP C 67 12.31 19.36 -32.30
CA TRP C 67 12.32 17.97 -32.67
C TRP C 67 11.19 17.27 -31.93
N VAL C 68 11.08 17.42 -30.61
CA VAL C 68 10.03 16.70 -29.90
C VAL C 68 8.63 17.16 -30.32
N ARG C 69 8.44 18.44 -30.53
CA ARG C 69 7.13 18.93 -30.97
C ARG C 69 6.80 18.41 -32.35
N GLU C 70 7.75 18.35 -33.24
CA GLU C 70 7.57 17.74 -34.53
C GLU C 70 7.11 16.27 -34.45
N ILE C 71 7.87 15.55 -33.63
CA ILE C 71 7.50 14.14 -33.47
C ILE C 71 6.08 13.91 -33.00
N PHE C 72 5.71 14.71 -32.00
CA PHE C 72 4.34 14.68 -31.44
C PHE C 72 3.28 15.04 -32.47
N ARG C 73 3.49 16.19 -33.11
CA ARG C 73 2.50 16.77 -34.04
C ARG C 73 2.35 15.91 -35.30
N ARG C 74 3.46 15.36 -35.82
CA ARG C 74 3.43 14.64 -37.08
C ARG C 74 2.94 13.21 -36.88
N ASN C 75 2.90 12.71 -35.65
CA ASN C 75 2.53 11.33 -35.35
C ASN C 75 1.41 11.27 -34.32
N LYS C 76 0.59 12.28 -34.26
CA LYS C 76 -0.43 12.41 -33.23
C LYS C 76 -1.38 11.26 -33.32
N GLY C 77 -1.58 10.66 -34.48
CA GLY C 77 -2.53 9.55 -34.64
C GLY C 77 -2.16 8.29 -33.89
N VAL C 78 -0.89 8.10 -33.51
CA VAL C 78 -0.51 6.88 -32.79
C VAL C 78 -0.32 7.19 -31.30
N ILE C 79 -0.43 8.43 -30.88
CA ILE C 79 -0.23 8.80 -29.47
C ILE C 79 -1.50 8.52 -28.67
N PRO C 80 -1.41 7.75 -27.60
CA PRO C 80 -2.59 7.46 -26.79
C PRO C 80 -3.28 8.77 -26.41
N LYS C 81 -4.59 8.80 -26.43
CA LYS C 81 -5.35 10.03 -26.23
C LYS C 81 -5.77 10.14 -24.76
N GLY C 82 -5.97 11.37 -24.29
CA GLY C 82 -6.40 11.68 -22.96
C GLY C 82 -5.37 11.80 -21.90
N PHE C 83 -4.12 12.11 -22.26
CA PHE C 83 -3.04 12.31 -21.28
C PHE C 83 -2.35 13.64 -21.46
N ASP C 84 -1.98 14.21 -20.34
CA ASP C 84 -1.00 15.28 -20.33
C ASP C 84 0.37 14.65 -20.23
N ILE C 85 1.29 14.88 -21.11
CA ILE C 85 2.56 14.21 -21.31
C ILE C 85 3.68 15.24 -21.25
N VAL C 86 4.63 15.00 -20.32
CA VAL C 86 5.83 15.78 -20.18
C VAL C 86 7.01 14.98 -20.66
N VAL C 87 7.72 15.51 -21.64
CA VAL C 87 8.92 14.88 -22.18
C VAL C 87 10.14 15.59 -21.63
N ILE C 88 11.09 14.81 -21.14
CA ILE C 88 12.29 15.32 -20.50
C ILE C 88 13.51 14.60 -21.10
N PRO C 89 14.35 15.33 -21.86
CA PRO C 89 15.53 14.66 -22.42
C PRO C 89 16.56 14.29 -21.35
N ARG C 90 17.23 13.16 -21.57
CA ARG C 90 18.21 12.66 -20.61
C ARG C 90 19.62 13.05 -21.01
N LYS C 91 20.53 12.85 -20.02
CA LYS C 91 21.94 13.09 -20.24
C LYS C 91 22.49 12.41 -21.49
N LYS C 92 22.05 11.16 -21.72
CA LYS C 92 22.61 10.48 -22.87
C LYS C 92 22.21 11.16 -24.17
N LEU C 93 20.98 11.67 -24.28
CA LEU C 93 20.60 12.38 -25.51
C LEU C 93 21.34 13.68 -25.64
N SER C 94 21.59 14.34 -24.50
CA SER C 94 22.43 15.54 -24.61
C SER C 94 23.82 15.21 -25.15
N GLU C 95 24.42 14.13 -24.69
CA GLU C 95 25.76 13.75 -25.12
C GLU C 95 25.79 13.42 -26.62
N GLU C 96 24.79 12.84 -27.21
CA GLU C 96 24.73 12.44 -28.59
C GLU C 96 24.04 13.41 -29.54
N PHE C 97 23.53 14.52 -29.00
CA PHE C 97 22.62 15.38 -29.74
C PHE C 97 23.23 16.05 -30.94
N GLU C 98 24.54 16.31 -30.92
CA GLU C 98 25.11 16.86 -32.13
C GLU C 98 25.29 15.80 -33.21
N ARG C 99 25.24 14.50 -32.90
CA ARG C 99 25.42 13.46 -33.90
C ARG C 99 24.23 12.57 -34.20
N VAL C 100 23.20 12.47 -33.34
CA VAL C 100 22.10 11.55 -33.58
C VAL C 100 21.17 12.05 -34.67
N ASP C 101 20.58 11.15 -35.47
CA ASP C 101 19.64 11.66 -36.47
C ASP C 101 18.28 11.77 -35.83
N PHE C 102 17.50 12.66 -36.43
CA PHE C 102 16.13 12.90 -36.01
C PHE C 102 15.38 11.57 -36.04
N TRP C 103 15.55 10.68 -36.98
CA TRP C 103 14.64 9.54 -37.06
C TRP C 103 14.84 8.58 -35.91
N THR C 104 16.08 8.54 -35.44
CA THR C 104 16.35 7.74 -34.25
C THR C 104 15.76 8.32 -32.98
N VAL C 105 15.74 9.63 -32.85
CA VAL C 105 15.08 10.31 -31.71
C VAL C 105 13.56 10.08 -31.80
N ARG C 106 13.07 10.16 -33.04
CA ARG C 106 11.66 9.88 -33.32
C ARG C 106 11.27 8.45 -32.87
N GLU C 107 12.06 7.47 -33.31
CA GLU C 107 11.77 6.10 -32.97
C GLU C 107 11.77 5.88 -31.47
N LYS C 108 12.75 6.39 -30.74
CA LYS C 108 12.85 6.19 -29.30
C LYS C 108 11.71 6.88 -28.56
N LEU C 109 11.32 8.07 -29.00
CA LEU C 109 10.24 8.79 -28.31
C LEU C 109 8.89 8.16 -28.58
N LEU C 110 8.61 7.82 -29.84
CA LEU C 110 7.35 7.14 -30.13
C LEU C 110 7.26 5.78 -29.47
N ASN C 111 8.38 5.06 -29.33
CA ASN C 111 8.34 3.77 -28.66
C ASN C 111 7.81 3.94 -27.22
N LEU C 112 8.24 4.98 -26.57
CA LEU C 112 7.75 5.28 -25.21
C LEU C 112 6.30 5.77 -25.19
N LEU C 113 6.00 6.71 -26.06
CA LEU C 113 4.68 7.30 -26.03
C LEU C 113 3.64 6.23 -26.23
N LYS C 114 3.92 5.26 -27.09
CA LYS C 114 2.93 4.22 -27.43
C LYS C 114 2.67 3.31 -26.24
N ARG C 115 3.49 3.33 -25.19
CA ARG C 115 3.46 2.47 -24.03
C ARG C 115 2.64 3.15 -22.94
N ILE C 116 2.19 4.36 -23.16
CA ILE C 116 1.39 5.06 -22.17
C ILE C 116 0.04 4.41 -22.19
N GLU C 117 -0.44 4.22 -20.98
CA GLU C 117 -1.82 3.79 -20.87
C GLU C 117 -2.49 4.03 -19.52
N GLY C 118 -1.91 4.78 -18.57
CA GLY C 118 -2.47 5.13 -17.27
C GLY C 118 -2.13 6.52 -16.78
N ARG D 8 4.38 36.77 7.67
CA ARG D 8 5.46 35.82 7.49
C ARG D 8 6.33 36.13 6.29
N ARG D 9 7.58 35.63 6.32
CA ARG D 9 8.42 35.77 5.14
C ARG D 9 8.00 34.70 4.11
N GLU D 10 8.35 35.01 2.87
CA GLU D 10 7.85 34.21 1.76
C GLU D 10 8.24 32.74 1.95
N ARG D 11 7.24 31.87 1.88
CA ARG D 11 7.29 30.44 1.80
C ARG D 11 7.76 29.96 0.42
N LEU D 12 8.36 28.76 0.42
CA LEU D 12 8.67 28.09 -0.85
C LEU D 12 7.42 27.47 -1.47
N ARG D 13 6.97 28.08 -2.56
CA ARG D 13 5.70 27.75 -3.26
C ARG D 13 5.98 26.87 -4.48
N LEU D 14 5.84 25.56 -4.31
CA LEU D 14 6.29 24.59 -5.29
C LEU D 14 5.48 24.57 -6.57
N ARG D 15 4.26 25.07 -6.56
CA ARG D 15 3.50 25.15 -7.80
C ARG D 15 4.29 26.00 -8.82
N ARG D 16 4.87 27.07 -8.30
CA ARG D 16 5.73 27.87 -9.18
C ARG D 16 7.16 27.40 -9.23
N ASP D 17 7.76 27.13 -8.08
CA ASP D 17 9.21 27.03 -7.99
C ASP D 17 9.75 25.63 -8.23
N PHE D 18 8.94 24.57 -8.18
CA PHE D 18 9.52 23.22 -8.37
C PHE D 18 10.10 23.11 -9.77
N LEU D 19 9.38 23.44 -10.82
CA LEU D 19 9.82 23.36 -12.20
C LEU D 19 11.13 24.11 -12.40
N LEU D 20 11.16 25.32 -11.80
CA LEU D 20 12.34 26.18 -11.93
C LEU D 20 13.54 25.49 -11.31
N ILE D 21 13.36 24.98 -10.10
CA ILE D 21 14.47 24.26 -9.47
C ILE D 21 14.85 22.98 -10.16
N PHE D 22 13.89 22.23 -10.69
CA PHE D 22 14.22 21.07 -11.48
C PHE D 22 15.05 21.40 -12.72
N LYS D 23 14.75 22.51 -13.39
CA LYS D 23 15.47 22.89 -14.60
C LYS D 23 16.78 23.56 -14.35
N GLU D 24 16.86 24.37 -13.31
CA GLU D 24 18.03 25.22 -13.17
C GLU D 24 18.97 24.83 -12.02
N GLY D 25 18.48 24.03 -11.09
CA GLY D 25 19.22 23.69 -9.89
C GLY D 25 20.12 22.49 -10.12
N LYS D 26 20.73 22.20 -8.97
CA LYS D 26 21.58 21.04 -8.94
C LYS D 26 20.88 19.92 -8.19
N SER D 27 21.49 18.76 -8.08
CA SER D 27 20.85 17.63 -7.41
C SER D 27 21.93 16.82 -6.69
N LEU D 28 21.51 16.16 -5.62
CA LEU D 28 22.21 15.19 -4.83
C LEU D 28 21.23 14.04 -4.48
N GLN D 29 21.72 12.80 -4.32
CA GLN D 29 20.80 11.72 -3.98
C GLN D 29 21.55 10.61 -3.28
N ASN D 30 20.76 9.86 -2.54
CA ASN D 30 21.18 8.58 -1.93
C ASN D 30 20.02 7.60 -2.06
N GLU D 31 20.07 6.48 -1.41
CA GLU D 31 19.02 5.47 -1.59
C GLU D 31 17.65 5.95 -1.22
N TYR D 32 17.55 6.96 -0.35
CA TYR D 32 16.22 7.26 0.15
C TYR D 32 15.66 8.60 -0.30
N PHE D 33 16.56 9.54 -0.66
CA PHE D 33 16.15 10.88 -1.09
C PHE D 33 16.85 11.43 -2.33
N VAL D 34 16.13 12.21 -3.11
CA VAL D 34 16.72 13.12 -4.05
C VAL D 34 16.52 14.50 -3.44
N VAL D 35 17.53 15.32 -3.53
CA VAL D 35 17.52 16.71 -3.09
C VAL D 35 17.85 17.67 -4.23
N LEU D 36 16.96 18.53 -4.61
CA LEU D 36 17.23 19.52 -5.65
C LEU D 36 17.43 20.87 -5.00
N PHE D 37 18.33 21.70 -5.52
CA PHE D 37 18.55 22.97 -4.89
C PHE D 37 19.06 24.03 -5.85
N ARG D 38 18.73 25.27 -5.55
CA ARG D 38 19.23 26.45 -6.28
C ARG D 38 19.46 27.61 -5.39
N LYS D 39 20.36 28.49 -5.73
CA LYS D 39 20.65 29.65 -4.90
C LYS D 39 19.44 30.56 -4.82
N ASN D 40 19.19 31.22 -3.70
CA ASN D 40 18.03 32.13 -3.62
C ASN D 40 18.39 33.57 -3.28
N GLY D 41 19.66 33.91 -3.13
CA GLY D 41 20.19 35.23 -2.84
C GLY D 41 19.81 35.74 -1.47
N ASP D 43 19.70 35.34 3.14
N ASP D 43 19.97 35.03 2.83
CA ASP D 43 20.51 35.00 4.31
CA ASP D 43 21.01 34.52 3.75
C ASP D 43 20.16 33.59 4.82
C ASP D 43 20.41 33.35 4.53
N TYR D 44 19.17 32.91 4.28
CA TYR D 44 18.57 31.72 4.84
C TYR D 44 18.19 30.80 3.71
N SER D 45 17.92 29.56 4.07
CA SER D 45 17.43 28.59 3.10
C SER D 45 15.94 28.32 3.29
N ARG D 46 15.33 27.80 2.23
CA ARG D 46 13.91 27.47 2.27
C ARG D 46 13.71 26.04 1.81
N LEU D 47 12.76 25.32 2.39
CA LEU D 47 12.44 23.93 2.06
C LEU D 47 11.08 23.73 1.44
N GLY D 48 11.05 22.82 0.51
CA GLY D 48 9.81 22.31 -0.05
C GLY D 48 9.91 20.79 -0.14
N ILE D 49 8.87 20.03 0.04
CA ILE D 49 8.79 18.59 0.02
C ILE D 49 7.85 18.12 -1.05
N VAL D 50 8.29 17.28 -1.96
CA VAL D 50 7.45 16.71 -3.03
C VAL D 50 7.45 15.21 -2.83
N VAL D 51 6.29 14.74 -2.35
CA VAL D 51 6.01 13.34 -2.10
C VAL D 51 5.06 12.88 -3.24
N LYS D 52 5.54 11.85 -3.92
CA LYS D 52 4.64 11.28 -4.94
C LYS D 52 3.48 10.60 -4.26
N ARG D 53 2.30 10.61 -4.85
CA ARG D 53 1.15 9.98 -4.26
C ARG D 53 1.39 8.52 -3.96
N LYS D 54 2.10 7.83 -4.84
CA LYS D 54 2.34 6.40 -4.62
C LYS D 54 3.30 6.10 -3.49
N PHE D 55 3.84 7.13 -2.84
CA PHE D 55 4.71 6.81 -1.73
C PHE D 55 4.00 5.97 -0.67
N GLY D 56 2.76 6.34 -0.38
CA GLY D 56 1.98 5.66 0.63
C GLY D 56 0.65 6.37 0.71
N LYS D 57 -0.12 5.84 1.67
CA LYS D 57 -1.38 6.44 1.98
C LYS D 57 -1.18 7.83 2.54
N ALA D 58 -2.19 8.68 2.55
CA ALA D 58 -2.07 10.07 3.03
C ALA D 58 -1.46 10.16 4.41
N THR D 59 -1.82 9.32 5.37
CA THR D 59 -1.26 9.49 6.69
C THR D 59 0.23 9.19 6.69
N ARG D 60 0.71 8.30 5.84
CA ARG D 60 2.12 8.02 5.83
C ARG D 60 2.85 9.13 5.11
N ARG D 61 2.31 9.68 4.01
CA ARG D 61 2.95 10.84 3.39
C ARG D 61 3.07 11.95 4.40
N ASN D 62 2.02 12.15 5.18
CA ASN D 62 2.01 13.26 6.14
C ASN D 62 3.08 13.04 7.20
N LYS D 63 3.24 11.80 7.67
CA LYS D 63 4.29 11.55 8.69
C LYS D 63 5.67 11.83 8.13
N LEU D 64 5.91 11.40 6.91
CA LEU D 64 7.18 11.68 6.25
C LEU D 64 7.43 13.19 6.15
N LYS D 65 6.41 13.96 5.75
CA LYS D 65 6.58 15.40 5.64
C LYS D 65 6.85 15.97 7.03
N ARG D 66 6.16 15.53 8.07
CA ARG D 66 6.38 16.03 9.45
C ARG D 66 7.82 15.76 9.81
N TRP D 67 8.30 14.53 9.59
CA TRP D 67 9.69 14.20 9.90
C TRP D 67 10.65 15.14 9.21
N VAL D 68 10.50 15.26 7.88
CA VAL D 68 11.44 16.11 7.12
C VAL D 68 11.36 17.56 7.49
N ARG D 69 10.21 18.11 7.81
CA ARG D 69 10.18 19.50 8.26
C ARG D 69 10.92 19.66 9.58
N GLU D 70 10.72 18.73 10.51
CA GLU D 70 11.47 18.79 11.77
C GLU D 70 12.95 18.73 11.52
N ILE D 71 13.45 17.86 10.65
CA ILE D 71 14.88 17.73 10.41
C ILE D 71 15.43 19.00 9.84
N PHE D 72 14.73 19.58 8.89
CA PHE D 72 15.18 20.81 8.30
C PHE D 72 15.16 21.90 9.34
N ARG D 73 14.05 22.16 10.02
CA ARG D 73 13.89 23.27 10.95
C ARG D 73 14.86 23.23 12.10
N ARG D 74 14.95 22.03 12.70
CA ARG D 74 15.82 21.85 13.86
C ARG D 74 17.28 22.06 13.53
N ASN D 75 17.68 21.77 12.29
CA ASN D 75 19.08 21.74 11.88
C ASN D 75 19.47 22.90 11.00
N LYS D 76 18.65 23.96 10.91
CA LYS D 76 18.91 25.05 9.99
C LYS D 76 20.25 25.70 10.21
N GLY D 77 20.73 25.65 11.46
CA GLY D 77 22.01 26.23 11.76
C GLY D 77 23.19 25.50 11.16
N VAL D 78 23.08 24.24 10.83
CA VAL D 78 24.13 23.43 10.22
C VAL D 78 23.81 23.05 8.78
N ILE D 79 22.67 23.38 8.21
CA ILE D 79 22.41 23.21 6.78
C ILE D 79 22.85 24.49 6.06
N PRO D 80 23.51 24.41 4.92
CA PRO D 80 23.90 25.63 4.22
C PRO D 80 22.78 26.63 4.00
N LYS D 81 23.14 27.89 4.05
CA LYS D 81 22.22 28.99 3.94
C LYS D 81 22.27 29.59 2.52
N GLY D 82 21.16 30.08 2.09
CA GLY D 82 20.93 30.77 0.83
C GLY D 82 20.58 29.86 -0.30
N PHE D 83 19.86 28.78 -0.04
CA PHE D 83 19.39 27.85 -1.03
C PHE D 83 17.89 27.56 -0.90
N ASP D 84 17.24 27.41 -2.07
CA ASP D 84 15.89 26.84 -2.09
C ASP D 84 16.09 25.37 -2.38
N ILE D 85 15.49 24.54 -1.52
CA ILE D 85 15.76 23.12 -1.45
C ILE D 85 14.49 22.29 -1.53
N VAL D 86 14.43 21.37 -2.46
CA VAL D 86 13.31 20.43 -2.63
C VAL D 86 13.70 19.02 -2.26
N VAL D 87 13.00 18.39 -1.30
CA VAL D 87 13.29 17.02 -0.89
C VAL D 87 12.24 16.12 -1.51
N ILE D 88 12.73 15.09 -2.13
CA ILE D 88 11.89 14.12 -2.85
C ILE D 88 12.19 12.75 -2.35
N PRO D 89 11.32 12.12 -1.55
CA PRO D 89 11.59 10.74 -1.11
C PRO D 89 11.52 9.81 -2.31
N ARG D 90 12.41 8.79 -2.26
CA ARG D 90 12.48 7.84 -3.37
C ARG D 90 11.64 6.60 -3.17
N LYS D 91 11.47 5.83 -4.26
CA LYS D 91 10.65 4.62 -4.16
C LYS D 91 11.26 3.63 -3.20
N LYS D 92 12.59 3.51 -3.11
CA LYS D 92 13.12 2.65 -2.08
C LYS D 92 12.69 2.97 -0.65
N LEU D 93 12.61 4.27 -0.34
CA LEU D 93 12.15 4.63 0.99
C LEU D 93 10.69 4.25 1.17
N SER D 94 9.88 4.38 0.13
CA SER D 94 8.49 3.96 0.22
C SER D 94 8.44 2.45 0.49
N GLU D 95 9.30 1.72 -0.20
CA GLU D 95 9.31 0.24 -0.08
C GLU D 95 9.72 -0.27 1.28
N GLU D 96 10.66 0.49 1.84
CA GLU D 96 11.25 0.13 3.10
C GLU D 96 10.72 0.87 4.31
N PHE D 97 9.67 1.67 4.10
CA PHE D 97 9.36 2.65 5.15
C PHE D 97 9.06 2.03 6.51
N GLU D 98 8.44 0.87 6.56
CA GLU D 98 8.01 0.26 7.83
C GLU D 98 9.23 -0.21 8.61
N ARG D 99 10.41 -0.28 8.01
CA ARG D 99 11.59 -0.77 8.70
C ARG D 99 12.61 0.36 8.86
N VAL D 100 12.26 1.59 8.55
CA VAL D 100 13.09 2.76 8.76
C VAL D 100 12.58 3.68 9.86
N ASP D 101 13.43 4.16 10.75
CA ASP D 101 12.94 5.04 11.82
C ASP D 101 13.27 6.51 11.61
N PHE D 102 12.88 7.38 12.54
CA PHE D 102 13.20 8.80 12.36
C PHE D 102 14.69 9.01 12.19
N TRP D 103 15.47 8.37 13.07
CA TRP D 103 16.91 8.68 13.13
C TRP D 103 17.61 8.25 11.87
N THR D 104 17.07 7.23 11.21
CA THR D 104 17.68 6.88 9.91
C THR D 104 17.26 7.83 8.81
N VAL D 105 15.98 8.27 8.80
CA VAL D 105 15.56 9.31 7.88
C VAL D 105 16.35 10.58 8.10
N ARG D 106 16.60 10.96 9.35
CA ARG D 106 17.42 12.15 9.66
C ARG D 106 18.79 11.98 9.10
N GLU D 107 19.46 10.87 9.44
CA GLU D 107 20.83 10.67 8.97
C GLU D 107 20.91 10.80 7.46
N LYS D 108 20.08 10.05 6.73
CA LYS D 108 20.15 10.04 5.28
C LYS D 108 19.82 11.39 4.65
N LEU D 109 18.86 12.07 5.24
CA LEU D 109 18.54 13.40 4.73
C LEU D 109 19.64 14.42 5.02
N LEU D 110 20.12 14.50 6.25
CA LEU D 110 21.19 15.46 6.54
C LEU D 110 22.51 15.15 5.86
N ASN D 111 22.79 13.90 5.56
CA ASN D 111 23.96 13.56 4.77
C ASN D 111 23.97 14.37 3.47
N LEU D 112 22.79 14.46 2.85
CA LEU D 112 22.67 15.18 1.62
C LEU D 112 22.57 16.68 1.80
N LEU D 113 21.81 17.16 2.77
CA LEU D 113 21.68 18.61 2.98
C LEU D 113 23.02 19.30 3.23
N LYS D 114 23.84 18.56 3.99
CA LYS D 114 25.09 19.18 4.38
C LYS D 114 26.13 19.26 3.27
N ARG D 115 25.82 18.60 2.15
CA ARG D 115 26.70 18.62 0.97
C ARG D 115 26.30 19.69 -0.05
N ILE D 116 25.23 20.41 0.25
CA ILE D 116 24.79 21.47 -0.68
C ILE D 116 25.83 22.57 -0.74
N GLU D 117 26.26 22.97 -1.92
CA GLU D 117 27.30 23.93 -2.27
C GLU D 117 26.96 24.68 -3.56
N GLY D 118 27.29 25.95 -3.63
CA GLY D 118 27.02 26.86 -4.72
C GLY D 118 27.93 26.79 -5.92
#